data_1BSV
#
_entry.id   1BSV
#
_cell.length_a   104.300
_cell.length_b   104.300
_cell.length_c   74.900
_cell.angle_alpha   90.00
_cell.angle_beta   90.00
_cell.angle_gamma   120.00
#
_symmetry.space_group_name_H-M   'P 32 2 1'
#
loop_
_entity.id
_entity.type
_entity.pdbx_description
1 polymer 'PROTEIN (GDP-FUCOSE SYNTHETASE)'
2 non-polymer 'NADPH DIHYDRO-NICOTINAMIDE-ADENINE-DINUCLEOTIDE PHOSPHATE'
3 water water
#
_entity_poly.entity_id   1
_entity_poly.type   'polypeptide(L)'
_entity_poly.pdbx_seq_one_letter_code
;MSKQRVFIAGHRGMVGSAIRRQLEQRGDVELVLRTRDELNLLDSRAVHDFFASERIDQVYLAAAKVGGIVANNTYPADFI
YQNMMIESNIIHAAHQNDVNKLLFLGSSCIYPKLAKQPMAESELLQGTLEPTNEPYAIAKIAGIKLCESYNRQYGRDYRS
VMPTNLYGPHDNFHPSNSHVIPALLRRFHEATAQNAPDVVVWGSGTPMREFLHVDDMAAASIHVMELAHEVWLENTQPML
SHINVGTGVDCTIRELAQTIAKVVGYKGRVVFDASKPDGTPRKLLDVTRLHQLGWYHEISLEAGLASTYQWFLENQDRFR
G
;
_entity_poly.pdbx_strand_id   A
#
loop_
_chem_comp.id
_chem_comp.type
_chem_comp.name
_chem_comp.formula
NDP non-polymer 'NADPH DIHYDRO-NICOTINAMIDE-ADENINE-DINUCLEOTIDE PHOSPHATE' 'C21 H30 N7 O17 P3'
#
# COMPACT_ATOMS: atom_id res chain seq x y z
N LYS A 3 6.28 23.19 -15.74
CA LYS A 3 5.75 22.69 -14.43
C LYS A 3 4.68 21.61 -14.59
N GLN A 4 5.02 20.40 -14.17
CA GLN A 4 4.17 19.21 -14.22
C GLN A 4 2.89 19.30 -13.39
N ARG A 5 1.75 19.06 -14.01
CA ARG A 5 0.48 19.07 -13.27
C ARG A 5 0.13 17.62 -12.89
N VAL A 6 0.22 17.32 -11.59
CA VAL A 6 -0.03 15.99 -11.05
C VAL A 6 -1.35 15.79 -10.29
N PHE A 7 -2.09 14.76 -10.71
CA PHE A 7 -3.35 14.40 -10.06
C PHE A 7 -3.06 13.19 -9.18
N ILE A 8 -3.33 13.32 -7.89
CA ILE A 8 -3.15 12.22 -6.97
C ILE A 8 -4.57 11.85 -6.57
N ALA A 9 -5.03 10.70 -7.06
CA ALA A 9 -6.37 10.23 -6.74
C ALA A 9 -6.30 9.66 -5.32
N GLY A 10 -7.30 9.98 -4.50
CA GLY A 10 -7.31 9.51 -3.12
C GLY A 10 -6.20 10.12 -2.30
N HIS A 11 -6.00 11.43 -2.44
CA HIS A 11 -4.94 12.16 -1.73
C HIS A 11 -5.12 12.22 -0.19
N ARG A 12 -6.31 11.88 0.30
CA ARG A 12 -6.61 11.90 1.73
C ARG A 12 -6.27 10.58 2.42
N GLY A 13 -6.11 9.52 1.63
CA GLY A 13 -5.78 8.23 2.19
C GLY A 13 -4.38 8.14 2.73
N MET A 14 -4.04 7.02 3.34
CA MET A 14 -2.73 6.80 3.92
C MET A 14 -1.61 6.96 2.90
N VAL A 15 -1.70 6.19 1.81
CA VAL A 15 -0.68 6.22 0.75
C VAL A 15 -0.79 7.51 -0.08
N GLY A 16 -2.02 7.89 -0.42
CA GLY A 16 -2.23 9.10 -1.20
C GLY A 16 -1.65 10.33 -0.53
N SER A 17 -1.94 10.51 0.76
CA SER A 17 -1.45 11.66 1.53
C SER A 17 0.07 11.69 1.67
N ALA A 18 0.69 10.51 1.76
CA ALA A 18 2.14 10.43 1.88
C ALA A 18 2.81 10.89 0.59
N ILE A 19 2.23 10.54 -0.54
CA ILE A 19 2.76 10.95 -1.82
C ILE A 19 2.60 12.46 -1.93
N ARG A 20 1.45 12.96 -1.48
CA ARG A 20 1.13 14.37 -1.50
C ARG A 20 2.10 15.17 -0.64
N ARG A 21 2.39 14.70 0.56
CA ARG A 21 3.32 15.38 1.46
C ARG A 21 4.67 15.61 0.82
N GLN A 22 5.15 14.63 0.06
CA GLN A 22 6.44 14.72 -0.59
C GLN A 22 6.47 15.52 -1.86
N LEU A 23 5.36 15.57 -2.58
CA LEU A 23 5.30 16.33 -3.82
C LEU A 23 5.01 17.80 -3.55
N GLU A 24 4.40 18.07 -2.41
CA GLU A 24 4.08 19.43 -2.02
C GLU A 24 5.40 20.15 -1.74
N GLN A 25 6.40 19.38 -1.33
CA GLN A 25 7.72 19.89 -1.00
C GLN A 25 8.64 20.09 -2.22
N ARG A 26 8.08 20.66 -3.28
CA ARG A 26 8.81 20.96 -4.51
C ARG A 26 7.93 21.71 -5.51
N GLY A 27 8.48 22.80 -6.02
CA GLY A 27 7.77 23.67 -6.94
C GLY A 27 7.77 23.33 -8.42
N ASP A 28 8.49 22.27 -8.80
CA ASP A 28 8.53 21.87 -10.21
C ASP A 28 7.29 21.05 -10.55
N VAL A 29 6.38 20.98 -9.59
CA VAL A 29 5.13 20.22 -9.70
C VAL A 29 3.96 21.04 -9.14
N GLU A 30 2.81 20.96 -9.82
CA GLU A 30 1.61 21.64 -9.37
C GLU A 30 0.55 20.56 -9.14
N LEU A 31 -0.01 20.49 -7.93
CA LEU A 31 -0.99 19.46 -7.59
C LEU A 31 -2.46 19.77 -7.85
N VAL A 32 -3.15 18.82 -8.48
CA VAL A 32 -4.59 18.93 -8.77
C VAL A 32 -5.22 17.86 -7.88
N LEU A 33 -5.98 18.29 -6.89
CA LEU A 33 -6.60 17.36 -5.95
C LEU A 33 -8.10 17.54 -5.89
N ARG A 34 -8.81 16.44 -5.67
CA ARG A 34 -10.27 16.45 -5.61
C ARG A 34 -10.71 15.50 -4.51
N THR A 35 -11.60 15.96 -3.63
CA THR A 35 -12.11 15.11 -2.56
C THR A 35 -13.18 14.19 -3.13
N ARG A 36 -13.62 13.21 -2.33
CA ARG A 36 -14.66 12.28 -2.78
C ARG A 36 -15.94 13.07 -3.04
N ASP A 37 -16.15 14.12 -2.25
CA ASP A 37 -17.34 14.96 -2.45
C ASP A 37 -17.23 15.83 -3.70
N GLU A 38 -16.00 16.20 -4.07
CA GLU A 38 -15.79 17.01 -5.26
C GLU A 38 -15.80 16.15 -6.53
N LEU A 39 -15.30 14.92 -6.42
CA LEU A 39 -15.25 14.05 -7.59
C LEU A 39 -15.43 12.59 -7.21
N ASN A 40 -16.57 12.01 -7.59
CA ASN A 40 -16.81 10.61 -7.30
C ASN A 40 -16.15 9.76 -8.38
N LEU A 41 -15.08 9.06 -7.99
CA LEU A 41 -14.33 8.24 -8.93
C LEU A 41 -15.09 7.03 -9.50
N LEU A 42 -16.23 6.69 -8.92
CA LEU A 42 -17.04 5.58 -9.44
C LEU A 42 -17.88 6.05 -10.63
N ASP A 43 -18.09 7.36 -10.72
CA ASP A 43 -18.86 7.96 -11.80
C ASP A 43 -17.99 8.18 -13.04
N SER A 44 -18.20 7.36 -14.07
CA SER A 44 -17.46 7.44 -15.33
C SER A 44 -17.50 8.82 -15.99
N ARG A 45 -18.70 9.38 -16.16
CA ARG A 45 -18.88 10.70 -16.79
C ARG A 45 -18.17 11.81 -16.03
N ALA A 46 -18.25 11.78 -14.70
CA ALA A 46 -17.60 12.78 -13.87
C ALA A 46 -16.08 12.73 -14.04
N VAL A 47 -15.54 11.52 -14.09
CA VAL A 47 -14.10 11.33 -14.24
C VAL A 47 -13.62 11.81 -15.63
N HIS A 48 -14.37 11.49 -16.68
CA HIS A 48 -13.97 11.94 -18.01
C HIS A 48 -14.08 13.46 -18.10
N ASP A 49 -15.13 14.03 -17.52
CA ASP A 49 -15.31 15.48 -17.51
C ASP A 49 -14.16 16.18 -16.84
N PHE A 50 -13.72 15.63 -15.70
CA PHE A 50 -12.60 16.18 -14.96
C PHE A 50 -11.31 16.13 -15.79
N PHE A 51 -10.99 14.98 -16.37
CA PHE A 51 -9.78 14.85 -17.17
C PHE A 51 -9.82 15.73 -18.42
N ALA A 52 -11.04 16.01 -18.88
CA ALA A 52 -11.25 16.84 -20.06
C ALA A 52 -11.08 18.34 -19.73
N SER A 53 -11.51 18.75 -18.53
CA SER A 53 -11.40 20.14 -18.10
C SER A 53 -10.02 20.51 -17.61
N GLU A 54 -9.39 19.62 -16.84
CA GLU A 54 -8.06 19.86 -16.31
C GLU A 54 -6.99 19.41 -17.29
N ARG A 55 -5.78 19.92 -17.12
CA ARG A 55 -4.69 19.54 -18.00
C ARG A 55 -3.71 18.74 -17.15
N ILE A 56 -3.97 17.43 -17.03
CA ILE A 56 -3.16 16.53 -16.22
C ILE A 56 -1.97 15.96 -16.98
N ASP A 57 -0.80 15.99 -16.35
CA ASP A 57 0.40 15.44 -16.95
C ASP A 57 0.72 14.06 -16.38
N GLN A 58 0.51 13.88 -15.07
CA GLN A 58 0.78 12.61 -14.40
C GLN A 58 -0.36 12.24 -13.46
N VAL A 59 -0.54 10.94 -13.25
CA VAL A 59 -1.58 10.44 -12.33
C VAL A 59 -1.03 9.38 -11.39
N TYR A 60 -1.23 9.61 -10.09
CA TYR A 60 -0.85 8.64 -9.07
C TYR A 60 -2.19 8.07 -8.64
N LEU A 61 -2.44 6.82 -9.00
CA LEU A 61 -3.71 6.19 -8.67
C LEU A 61 -3.61 5.53 -7.30
N ALA A 62 -3.95 6.31 -6.27
CA ALA A 62 -3.89 5.84 -4.87
C ALA A 62 -5.25 5.72 -4.22
N ALA A 63 -6.31 5.83 -5.02
CA ALA A 63 -7.67 5.70 -4.53
C ALA A 63 -8.03 4.21 -4.59
N ALA A 64 -8.69 3.74 -3.53
CA ALA A 64 -9.11 2.34 -3.43
C ALA A 64 -10.05 2.13 -2.26
N LYS A 65 -10.79 1.03 -2.31
CA LYS A 65 -11.68 0.62 -1.24
C LYS A 65 -10.78 -0.40 -0.53
N VAL A 66 -10.28 0.00 0.63
CA VAL A 66 -9.35 -0.80 1.43
C VAL A 66 -9.93 -1.18 2.81
N GLY A 67 -9.46 -2.27 3.39
CA GLY A 67 -9.95 -2.69 4.69
C GLY A 67 -9.22 -3.90 5.23
N GLY A 68 -9.62 -4.31 6.43
CA GLY A 68 -9.02 -5.47 7.09
C GLY A 68 -9.74 -6.78 6.78
N ILE A 69 -9.33 -7.81 7.51
CA ILE A 69 -9.87 -9.17 7.38
C ILE A 69 -11.40 -9.22 7.48
N VAL A 70 -11.98 -8.54 8.46
CA VAL A 70 -13.44 -8.53 8.61
C VAL A 70 -14.15 -7.87 7.42
N ALA A 71 -13.66 -6.70 7.00
CA ALA A 71 -14.27 -5.98 5.89
C ALA A 71 -14.21 -6.76 4.58
N ASN A 72 -13.04 -7.32 4.25
CA ASN A 72 -12.89 -8.08 3.02
C ASN A 72 -13.81 -9.30 2.89
N ASN A 73 -14.10 -9.94 4.03
CA ASN A 73 -15.00 -11.10 4.06
C ASN A 73 -16.46 -10.68 4.24
N THR A 74 -16.69 -9.47 4.76
CA THR A 74 -18.04 -8.99 4.98
C THR A 74 -18.64 -8.25 3.78
N TYR A 75 -17.82 -7.46 3.08
CA TYR A 75 -18.29 -6.73 1.91
C TYR A 75 -17.50 -7.08 0.65
N PRO A 76 -17.40 -8.37 0.30
CA PRO A 76 -16.64 -8.75 -0.89
C PRO A 76 -17.07 -8.08 -2.21
N ALA A 77 -18.37 -7.96 -2.44
CA ALA A 77 -18.86 -7.32 -3.66
C ALA A 77 -18.43 -5.85 -3.77
N ASP A 78 -18.52 -5.11 -2.67
CA ASP A 78 -18.12 -3.71 -2.66
C ASP A 78 -16.63 -3.56 -2.97
N PHE A 79 -15.83 -4.50 -2.47
CA PHE A 79 -14.39 -4.48 -2.67
C PHE A 79 -13.94 -4.76 -4.11
N ILE A 80 -14.55 -5.76 -4.73
CA ILE A 80 -14.20 -6.06 -6.12
C ILE A 80 -14.82 -5.03 -7.07
N TYR A 81 -16.11 -4.73 -6.90
CA TYR A 81 -16.76 -3.77 -7.77
C TYR A 81 -16.19 -2.35 -7.75
N GLN A 82 -16.04 -1.77 -6.56
CA GLN A 82 -15.54 -0.40 -6.46
C GLN A 82 -14.13 -0.22 -6.96
N ASN A 83 -13.27 -1.18 -6.62
CA ASN A 83 -11.90 -1.07 -7.07
C ASN A 83 -11.80 -1.24 -8.59
N MET A 84 -12.61 -2.14 -9.15
CA MET A 84 -12.62 -2.33 -10.59
C MET A 84 -13.08 -1.06 -11.31
N MET A 85 -14.14 -0.43 -10.82
CA MET A 85 -14.66 0.80 -11.44
C MET A 85 -13.68 1.96 -11.34
N ILE A 86 -13.16 2.20 -10.14
CA ILE A 86 -12.20 3.29 -9.94
C ILE A 86 -11.00 3.14 -10.87
N GLU A 87 -10.44 1.94 -10.94
CA GLU A 87 -9.30 1.67 -11.82
C GLU A 87 -9.64 1.94 -13.28
N SER A 88 -10.69 1.29 -13.76
CA SER A 88 -11.19 1.41 -15.13
C SER A 88 -11.44 2.84 -15.54
N ASN A 89 -12.21 3.55 -14.71
CA ASN A 89 -12.56 4.95 -14.98
C ASN A 89 -11.32 5.84 -15.12
N ILE A 90 -10.41 5.78 -14.14
CA ILE A 90 -9.22 6.61 -14.18
C ILE A 90 -8.28 6.27 -15.35
N ILE A 91 -7.95 4.99 -15.49
CA ILE A 91 -7.05 4.57 -16.55
C ILE A 91 -7.57 4.87 -17.95
N HIS A 92 -8.84 4.60 -18.20
CA HIS A 92 -9.39 4.86 -19.51
C HIS A 92 -9.55 6.35 -19.77
N ALA A 93 -10.03 7.10 -18.77
CA ALA A 93 -10.20 8.54 -18.92
C ALA A 93 -8.86 9.20 -19.16
N ALA A 94 -7.84 8.77 -18.43
CA ALA A 94 -6.50 9.31 -18.57
C ALA A 94 -6.05 9.16 -20.03
N HIS A 95 -6.17 7.95 -20.57
CA HIS A 95 -5.79 7.68 -21.94
C HIS A 95 -6.57 8.51 -22.95
N GLN A 96 -7.89 8.58 -22.77
CA GLN A 96 -8.80 9.33 -23.62
C GLN A 96 -8.45 10.82 -23.67
N ASN A 97 -7.82 11.32 -22.61
CA ASN A 97 -7.44 12.73 -22.52
C ASN A 97 -5.95 12.97 -22.60
N ASP A 98 -5.25 12.02 -23.22
CA ASP A 98 -3.82 12.12 -23.43
C ASP A 98 -2.85 12.19 -22.27
N VAL A 99 -3.22 11.64 -21.12
CA VAL A 99 -2.31 11.59 -19.99
C VAL A 99 -1.49 10.34 -20.31
N ASN A 100 -0.19 10.51 -20.49
CA ASN A 100 0.67 9.40 -20.86
C ASN A 100 1.36 8.70 -19.70
N LYS A 101 1.45 9.39 -18.57
CA LYS A 101 2.11 8.87 -17.37
C LYS A 101 1.16 8.58 -16.23
N LEU A 102 1.25 7.38 -15.68
CA LEU A 102 0.38 6.99 -14.58
C LEU A 102 1.07 5.95 -13.72
N LEU A 103 0.84 6.05 -12.42
CA LEU A 103 1.40 5.08 -11.49
C LEU A 103 0.27 4.43 -10.72
N PHE A 104 0.14 3.11 -10.86
CA PHE A 104 -0.89 2.34 -10.20
C PHE A 104 -0.30 1.66 -8.96
N LEU A 105 -0.99 1.83 -7.83
CA LEU A 105 -0.59 1.24 -6.57
C LEU A 105 -1.36 -0.02 -6.27
N GLY A 106 -0.65 -1.15 -6.31
CA GLY A 106 -1.28 -2.43 -6.03
C GLY A 106 -1.09 -2.78 -4.56
N SER A 107 -0.86 -4.07 -4.30
CA SER A 107 -0.68 -4.57 -2.93
C SER A 107 -0.01 -5.94 -2.96
N SER A 108 0.51 -6.41 -1.83
CA SER A 108 1.17 -7.71 -1.81
C SER A 108 0.18 -8.89 -1.60
N CYS A 109 -1.06 -8.55 -1.23
CA CYS A 109 -2.14 -9.55 -1.02
C CYS A 109 -2.44 -10.26 -2.32
N ILE A 110 -1.98 -9.64 -3.40
CA ILE A 110 -2.15 -10.08 -4.76
C ILE A 110 -1.40 -11.37 -5.11
N TYR A 111 -0.35 -11.70 -4.37
CA TYR A 111 0.42 -12.90 -4.66
C TYR A 111 -0.24 -14.17 -4.18
N PRO A 112 0.05 -15.32 -4.82
CA PRO A 112 -0.55 -16.60 -4.43
C PRO A 112 -0.28 -16.87 -2.96
N LYS A 113 -1.23 -17.52 -2.30
CA LYS A 113 -1.13 -17.87 -0.89
C LYS A 113 0.13 -18.67 -0.59
N LEU A 114 0.41 -19.67 -1.42
CA LEU A 114 1.58 -20.53 -1.23
C LEU A 114 2.75 -20.23 -2.13
N ALA A 115 2.99 -18.94 -2.38
CA ALA A 115 4.10 -18.52 -3.22
C ALA A 115 5.47 -18.84 -2.59
N LYS A 116 6.49 -18.86 -3.45
CA LYS A 116 7.87 -19.13 -3.05
C LYS A 116 8.39 -17.84 -2.42
N GLN A 117 9.10 -17.97 -1.30
CA GLN A 117 9.65 -16.82 -0.56
C GLN A 117 11.18 -16.70 -0.73
N PRO A 118 11.69 -15.48 -0.96
CA PRO A 118 10.93 -14.23 -1.10
C PRO A 118 10.19 -14.18 -2.44
N MET A 119 9.07 -13.47 -2.49
CA MET A 119 8.25 -13.40 -3.70
C MET A 119 8.70 -12.45 -4.80
N ALA A 120 9.19 -13.01 -5.90
CA ALA A 120 9.60 -12.20 -7.05
C ALA A 120 8.34 -11.79 -7.80
N GLU A 121 8.46 -10.79 -8.66
CA GLU A 121 7.32 -10.31 -9.43
C GLU A 121 6.67 -11.36 -10.31
N SER A 122 7.45 -12.37 -10.71
CA SER A 122 6.95 -13.45 -11.56
C SER A 122 6.11 -14.46 -10.81
N GLU A 123 5.86 -14.19 -9.54
CA GLU A 123 5.06 -15.07 -8.70
C GLU A 123 3.58 -14.73 -8.92
N LEU A 124 3.34 -13.63 -9.61
CA LEU A 124 1.99 -13.19 -9.90
C LEU A 124 1.23 -14.21 -10.73
N LEU A 125 0.02 -14.56 -10.29
CA LEU A 125 -0.87 -15.51 -10.96
C LEU A 125 -0.34 -16.94 -11.04
N GLN A 126 0.60 -17.31 -10.17
CA GLN A 126 1.18 -18.64 -10.16
C GLN A 126 0.47 -19.65 -9.27
N GLY A 127 -0.63 -19.25 -8.65
CA GLY A 127 -1.36 -20.15 -7.78
C GLY A 127 -2.55 -19.45 -7.16
N THR A 128 -3.35 -20.22 -6.44
CA THR A 128 -4.55 -19.70 -5.80
C THR A 128 -4.27 -18.60 -4.76
N LEU A 129 -5.21 -17.66 -4.68
CA LEU A 129 -5.14 -16.54 -3.76
C LEU A 129 -5.69 -16.91 -2.37
N GLU A 130 -5.36 -16.06 -1.39
CA GLU A 130 -5.84 -16.19 -0.02
C GLU A 130 -7.35 -15.88 -0.13
N PRO A 131 -8.22 -16.80 0.36
CA PRO A 131 -9.67 -16.59 0.29
C PRO A 131 -10.13 -15.22 0.78
N THR A 132 -9.64 -14.82 1.95
CA THR A 132 -9.99 -13.52 2.54
C THR A 132 -9.79 -12.34 1.60
N ASN A 133 -8.71 -12.36 0.84
CA ASN A 133 -8.38 -11.27 -0.06
C ASN A 133 -8.72 -11.46 -1.52
N GLU A 134 -9.29 -12.62 -1.87
CA GLU A 134 -9.60 -12.91 -3.25
C GLU A 134 -10.26 -11.84 -4.12
N PRO A 135 -11.41 -11.28 -3.71
CA PRO A 135 -12.07 -10.25 -4.54
C PRO A 135 -11.22 -8.98 -4.73
N TYR A 136 -10.61 -8.51 -3.65
CA TYR A 136 -9.75 -7.34 -3.69
C TYR A 136 -8.55 -7.61 -4.61
N ALA A 137 -7.94 -8.78 -4.42
CA ALA A 137 -6.79 -9.20 -5.20
C ALA A 137 -7.08 -9.25 -6.70
N ILE A 138 -8.24 -9.80 -7.08
CA ILE A 138 -8.61 -9.89 -8.48
C ILE A 138 -8.76 -8.51 -9.10
N ALA A 139 -9.38 -7.59 -8.37
CA ALA A 139 -9.55 -6.22 -8.84
C ALA A 139 -8.20 -5.54 -9.11
N LYS A 140 -7.27 -5.72 -8.17
CA LYS A 140 -5.92 -5.15 -8.25
C LYS A 140 -5.11 -5.73 -9.42
N ILE A 141 -5.16 -7.06 -9.57
CA ILE A 141 -4.47 -7.70 -10.67
C ILE A 141 -5.05 -7.15 -11.99
N ALA A 142 -6.37 -6.95 -12.04
CA ALA A 142 -7.02 -6.41 -13.23
C ALA A 142 -6.48 -5.02 -13.49
N GLY A 143 -6.23 -4.26 -12.42
CA GLY A 143 -5.68 -2.91 -12.55
C GLY A 143 -4.33 -2.94 -13.23
N ILE A 144 -3.47 -3.87 -12.82
CA ILE A 144 -2.14 -4.02 -13.43
C ILE A 144 -2.27 -4.38 -14.91
N LYS A 145 -3.13 -5.33 -15.20
CA LYS A 145 -3.31 -5.78 -16.58
C LYS A 145 -3.91 -4.70 -17.49
N LEU A 146 -4.70 -3.81 -16.91
CA LEU A 146 -5.26 -2.71 -17.66
C LEU A 146 -4.08 -1.84 -18.09
N CYS A 147 -3.18 -1.57 -17.15
CA CYS A 147 -2.00 -0.75 -17.42
C CYS A 147 -1.16 -1.33 -18.54
N GLU A 148 -0.82 -2.60 -18.43
CA GLU A 148 0.01 -3.30 -19.42
C GLU A 148 -0.65 -3.30 -20.81
N SER A 149 -1.97 -3.47 -20.83
CA SER A 149 -2.74 -3.49 -22.06
C SER A 149 -2.76 -2.13 -22.77
N TYR A 150 -2.85 -1.04 -22.01
CA TYR A 150 -2.84 0.31 -22.60
C TYR A 150 -1.43 0.64 -23.05
N ASN A 151 -0.45 0.12 -22.32
CA ASN A 151 0.94 0.32 -22.69
C ASN A 151 1.19 -0.38 -24.03
N ARG A 152 0.74 -1.63 -24.14
CA ARG A 152 0.91 -2.40 -25.37
C ARG A 152 0.15 -1.84 -26.56
N GLN A 153 -1.15 -1.61 -26.41
CA GLN A 153 -1.96 -1.12 -27.51
C GLN A 153 -1.71 0.31 -27.92
N TYR A 154 -1.76 1.23 -26.96
CA TYR A 154 -1.61 2.65 -27.24
C TYR A 154 -0.25 3.32 -27.02
N GLY A 155 0.73 2.54 -26.57
CA GLY A 155 2.04 3.10 -26.33
C GLY A 155 2.08 4.03 -25.13
N ARG A 156 1.25 3.76 -24.13
CA ARG A 156 1.22 4.57 -22.92
C ARG A 156 2.39 4.20 -21.98
N ASP A 157 2.49 4.94 -20.89
CA ASP A 157 3.54 4.73 -19.89
C ASP A 157 2.85 4.65 -18.51
N TYR A 158 2.06 3.59 -18.34
CA TYR A 158 1.32 3.34 -17.11
C TYR A 158 2.07 2.29 -16.33
N ARG A 159 2.76 2.74 -15.30
CA ARG A 159 3.59 1.88 -14.45
C ARG A 159 2.84 1.47 -13.19
N SER A 160 3.34 0.44 -12.51
CA SER A 160 2.70 -0.06 -11.29
C SER A 160 3.71 -0.59 -10.25
N VAL A 161 3.41 -0.31 -8.97
CA VAL A 161 4.26 -0.78 -7.87
C VAL A 161 3.43 -1.63 -6.91
N MET A 162 4.06 -2.66 -6.38
CA MET A 162 3.42 -3.61 -5.45
C MET A 162 4.03 -3.49 -4.08
N PRO A 163 3.39 -2.74 -3.19
CA PRO A 163 3.94 -2.59 -1.83
C PRO A 163 3.72 -3.78 -0.90
N THR A 164 4.62 -3.94 0.06
CA THR A 164 4.50 -4.97 1.08
C THR A 164 3.55 -4.36 2.16
N ASN A 165 3.54 -4.89 3.38
CA ASN A 165 2.68 -4.31 4.45
C ASN A 165 3.16 -2.91 4.78
N LEU A 166 2.24 -1.97 4.80
CA LEU A 166 2.55 -0.58 5.08
C LEU A 166 2.05 -0.15 6.44
N TYR A 167 2.65 0.91 6.96
CA TYR A 167 2.27 1.46 8.25
C TYR A 167 2.78 2.91 8.28
N GLY A 168 2.28 3.71 9.21
CA GLY A 168 2.70 5.09 9.31
C GLY A 168 1.53 5.98 9.65
N PRO A 169 1.66 7.31 9.53
CA PRO A 169 0.53 8.18 9.85
C PRO A 169 -0.64 8.03 8.88
N HIS A 170 -1.84 8.29 9.39
CA HIS A 170 -3.08 8.21 8.63
C HIS A 170 -3.57 6.80 8.39
N ASP A 171 -2.90 5.86 9.04
CA ASP A 171 -3.28 4.46 8.95
C ASP A 171 -4.57 4.37 9.76
N ASN A 172 -5.24 3.22 9.68
CA ASN A 172 -6.47 3.02 10.41
C ASN A 172 -6.15 2.51 11.83
N PHE A 173 -6.14 3.42 12.79
CA PHE A 173 -5.86 3.03 14.17
C PHE A 173 -7.09 2.64 14.96
N HIS A 174 -8.24 2.57 14.27
CA HIS A 174 -9.49 2.18 14.91
C HIS A 174 -9.34 0.74 15.43
N PRO A 175 -10.11 0.37 16.46
CA PRO A 175 -10.06 -0.98 17.04
C PRO A 175 -10.51 -2.07 16.07
N SER A 176 -11.26 -1.67 15.04
CA SER A 176 -11.77 -2.60 14.04
C SER A 176 -10.68 -3.09 13.07
N ASN A 177 -9.60 -2.32 12.92
CA ASN A 177 -8.49 -2.67 12.01
C ASN A 177 -7.71 -3.89 12.46
N SER A 178 -7.61 -4.86 11.55
CA SER A 178 -6.89 -6.10 11.79
C SER A 178 -5.38 -6.05 11.51
N HIS A 179 -4.92 -5.03 10.77
CA HIS A 179 -3.50 -4.90 10.44
C HIS A 179 -2.70 -4.82 11.71
N VAL A 180 -1.76 -5.76 11.82
CA VAL A 180 -0.93 -5.94 12.99
C VAL A 180 -0.25 -4.69 13.60
N ILE A 181 0.42 -3.85 12.81
CA ILE A 181 1.08 -2.68 13.42
C ILE A 181 0.15 -1.69 14.12
N PRO A 182 -0.85 -1.13 13.41
CA PRO A 182 -1.71 -0.18 14.12
C PRO A 182 -2.54 -0.84 15.23
N ALA A 183 -2.84 -2.13 15.09
CA ALA A 183 -3.60 -2.85 16.11
C ALA A 183 -2.77 -3.03 17.38
N LEU A 184 -1.48 -3.35 17.21
CA LEU A 184 -0.60 -3.53 18.35
C LEU A 184 -0.20 -2.21 19.00
N LEU A 185 -0.03 -1.16 18.21
CA LEU A 185 0.31 0.14 18.79
C LEU A 185 -0.81 0.55 19.73
N ARG A 186 -2.05 0.39 19.27
CA ARG A 186 -3.22 0.73 20.05
C ARG A 186 -3.33 -0.10 21.32
N ARG A 187 -3.23 -1.43 21.20
CA ARG A 187 -3.34 -2.30 22.36
C ARG A 187 -2.25 -2.05 23.41
N PHE A 188 -1.01 -1.92 22.98
CA PHE A 188 0.08 -1.66 23.90
C PHE A 188 -0.05 -0.28 24.54
N HIS A 189 -0.59 0.67 23.78
CA HIS A 189 -0.79 2.01 24.29
C HIS A 189 -1.76 1.96 25.47
N GLU A 190 -2.88 1.27 25.26
CA GLU A 190 -3.88 1.15 26.30
C GLU A 190 -3.47 0.27 27.46
N ALA A 191 -2.73 -0.80 27.17
CA ALA A 191 -2.25 -1.70 28.23
C ALA A 191 -1.28 -0.92 29.12
N THR A 192 -0.51 -0.02 28.52
CA THR A 192 0.44 0.81 29.25
C THR A 192 -0.30 1.81 30.13
N ALA A 193 -1.35 2.43 29.58
CA ALA A 193 -2.18 3.42 30.27
C ALA A 193 -3.00 2.85 31.43
N GLN A 194 -3.48 1.63 31.27
CA GLN A 194 -4.29 0.97 32.29
C GLN A 194 -3.42 0.10 33.20
N ASN A 195 -2.12 0.11 32.91
CA ASN A 195 -1.14 -0.65 33.66
C ASN A 195 -1.44 -2.15 33.78
N ALA A 196 -1.88 -2.76 32.68
CA ALA A 196 -2.20 -4.18 32.63
C ALA A 196 -0.94 -5.01 32.79
N PRO A 197 -0.98 -6.06 33.63
CA PRO A 197 0.21 -6.91 33.84
C PRO A 197 0.73 -7.61 32.60
N ASP A 198 -0.16 -7.94 31.68
CA ASP A 198 0.24 -8.61 30.44
C ASP A 198 -0.65 -8.32 29.23
N VAL A 199 -0.13 -8.61 28.04
CA VAL A 199 -0.85 -8.43 26.79
C VAL A 199 -0.70 -9.75 26.06
N VAL A 200 -1.82 -10.45 25.85
CA VAL A 200 -1.78 -11.72 25.17
C VAL A 200 -2.01 -11.56 23.69
N VAL A 201 -1.12 -12.15 22.90
CA VAL A 201 -1.19 -12.11 21.43
C VAL A 201 -1.39 -13.56 20.95
N TRP A 202 -2.32 -13.76 20.01
CA TRP A 202 -2.62 -15.08 19.46
C TRP A 202 -1.47 -15.61 18.60
N GLY A 203 -1.20 -16.91 18.69
CA GLY A 203 -0.13 -17.50 17.91
C GLY A 203 1.16 -17.70 18.68
N SER A 204 2.17 -18.26 18.01
CA SER A 204 3.47 -18.52 18.62
C SER A 204 4.45 -17.36 18.50
N GLY A 205 4.17 -16.41 17.63
CA GLY A 205 5.04 -15.27 17.41
C GLY A 205 6.20 -15.60 16.48
N THR A 206 6.29 -16.83 16.00
CA THR A 206 7.38 -17.23 15.12
C THR A 206 7.25 -16.82 13.65
N PRO A 207 6.03 -16.59 13.13
CA PRO A 207 5.99 -16.22 11.72
C PRO A 207 6.68 -14.91 11.37
N MET A 208 7.30 -14.88 10.19
CA MET A 208 8.02 -13.70 9.73
C MET A 208 7.26 -12.84 8.71
N ARG A 209 7.28 -11.53 8.94
CA ARG A 209 6.60 -10.56 8.08
C ARG A 209 7.51 -9.40 7.73
N GLU A 210 7.18 -8.71 6.64
CA GLU A 210 7.95 -7.57 6.17
C GLU A 210 7.08 -6.31 6.30
N PHE A 211 7.69 -5.20 6.71
CA PHE A 211 6.97 -3.94 6.88
C PHE A 211 7.76 -2.77 6.30
N LEU A 212 7.04 -1.82 5.73
CA LEU A 212 7.65 -0.65 5.11
C LEU A 212 6.89 0.58 5.55
N HIS A 213 7.61 1.60 6.01
CA HIS A 213 6.94 2.83 6.43
C HIS A 213 6.34 3.48 5.18
N VAL A 214 5.18 4.10 5.36
CA VAL A 214 4.48 4.72 4.25
C VAL A 214 5.25 5.84 3.54
N ASP A 215 6.11 6.56 4.26
CA ASP A 215 6.90 7.63 3.66
C ASP A 215 7.95 7.04 2.73
N ASP A 216 8.49 5.87 3.09
CA ASP A 216 9.45 5.19 2.24
C ASP A 216 8.69 4.74 0.98
N MET A 217 7.46 4.28 1.19
CA MET A 217 6.59 3.83 0.11
C MET A 217 6.43 4.95 -0.92
N ALA A 218 6.03 6.13 -0.45
CA ALA A 218 5.83 7.30 -1.30
C ALA A 218 7.10 7.68 -2.07
N ALA A 219 8.24 7.60 -1.40
CA ALA A 219 9.52 7.91 -2.01
C ALA A 219 9.80 6.97 -3.16
N ALA A 220 9.61 5.67 -2.94
CA ALA A 220 9.84 4.66 -3.97
C ALA A 220 8.89 4.83 -5.14
N SER A 221 7.66 5.21 -4.84
CA SER A 221 6.65 5.40 -5.87
C SER A 221 7.03 6.52 -6.83
N ILE A 222 7.37 7.67 -6.25
CA ILE A 222 7.79 8.85 -6.98
C ILE A 222 9.07 8.54 -7.77
N HIS A 223 9.95 7.74 -7.18
CA HIS A 223 11.19 7.35 -7.84
C HIS A 223 10.84 6.55 -9.10
N VAL A 224 10.01 5.53 -8.95
CA VAL A 224 9.60 4.68 -10.07
C VAL A 224 8.85 5.50 -11.12
N MET A 225 7.95 6.39 -10.67
CA MET A 225 7.20 7.24 -11.58
C MET A 225 8.13 8.12 -12.46
N GLU A 226 9.13 8.72 -11.84
CA GLU A 226 10.05 9.62 -12.51
C GLU A 226 11.27 9.05 -13.24
N LEU A 227 11.47 7.74 -13.15
CA LEU A 227 12.59 7.09 -13.85
C LEU A 227 12.44 7.30 -15.37
N ALA A 228 13.55 7.15 -16.09
CA ALA A 228 13.51 7.30 -17.55
C ALA A 228 12.78 6.10 -18.12
N HIS A 229 11.89 6.36 -19.08
CA HIS A 229 11.13 5.31 -19.73
C HIS A 229 12.00 4.17 -20.21
N GLU A 230 13.16 4.50 -20.81
CA GLU A 230 14.08 3.48 -21.32
C GLU A 230 14.65 2.62 -20.22
N VAL A 231 14.90 3.23 -19.07
CA VAL A 231 15.45 2.52 -17.92
C VAL A 231 14.42 1.56 -17.33
N TRP A 232 13.17 2.02 -17.29
CA TRP A 232 12.07 1.22 -16.78
C TRP A 232 11.80 0.03 -17.72
N LEU A 233 11.72 0.31 -19.02
CA LEU A 233 11.47 -0.75 -20.01
C LEU A 233 12.53 -1.80 -19.95
N GLU A 234 13.75 -1.36 -19.65
CA GLU A 234 14.91 -2.24 -19.57
C GLU A 234 14.88 -3.16 -18.37
N ASN A 235 14.23 -2.72 -17.30
CA ASN A 235 14.14 -3.55 -16.09
C ASN A 235 12.82 -4.25 -15.85
N THR A 236 11.92 -4.18 -16.83
CA THR A 236 10.62 -4.82 -16.76
C THR A 236 10.31 -5.50 -18.09
N GLN A 237 9.15 -6.13 -18.15
CA GLN A 237 8.64 -6.80 -19.34
C GLN A 237 7.24 -6.25 -19.56
N PRO A 238 6.79 -6.17 -20.82
CA PRO A 238 5.45 -5.66 -21.15
C PRO A 238 4.31 -6.35 -20.42
N MET A 239 4.44 -7.65 -20.20
CA MET A 239 3.40 -8.39 -19.51
C MET A 239 3.79 -8.87 -18.10
N LEU A 240 4.83 -8.26 -17.56
CA LEU A 240 5.30 -8.54 -16.20
C LEU A 240 6.02 -7.24 -15.84
N SER A 241 5.22 -6.17 -15.77
CA SER A 241 5.73 -4.82 -15.54
C SER A 241 5.72 -4.22 -14.13
N HIS A 242 5.03 -4.85 -13.18
CA HIS A 242 4.95 -4.31 -11.83
C HIS A 242 6.29 -4.44 -11.11
N ILE A 243 6.51 -3.55 -10.15
CA ILE A 243 7.74 -3.57 -9.36
C ILE A 243 7.42 -3.69 -7.86
N ASN A 244 7.99 -4.70 -7.22
CA ASN A 244 7.79 -4.91 -5.78
C ASN A 244 8.45 -3.77 -5.00
N VAL A 245 7.74 -3.26 -3.99
CA VAL A 245 8.28 -2.18 -3.16
C VAL A 245 8.24 -2.66 -1.70
N GLY A 246 9.42 -2.78 -1.10
CA GLY A 246 9.51 -3.21 0.29
C GLY A 246 10.93 -3.09 0.80
N THR A 247 11.22 -3.74 1.94
CA THR A 247 12.56 -3.69 2.52
C THR A 247 13.39 -4.94 2.22
N GLY A 248 12.73 -6.06 1.97
CA GLY A 248 13.42 -7.31 1.68
C GLY A 248 13.91 -7.97 2.96
N VAL A 249 13.59 -7.33 4.09
CA VAL A 249 13.97 -7.80 5.41
C VAL A 249 12.72 -8.25 6.16
N ASP A 250 12.79 -9.43 6.75
CA ASP A 250 11.66 -9.91 7.52
C ASP A 250 12.02 -10.05 9.00
N CYS A 251 11.01 -10.00 9.85
CA CYS A 251 11.23 -10.15 11.27
C CYS A 251 10.00 -10.88 11.83
N THR A 252 10.20 -11.59 12.93
CA THR A 252 9.13 -12.35 13.57
C THR A 252 8.09 -11.44 14.22
N ILE A 253 6.88 -11.97 14.39
CA ILE A 253 5.83 -11.21 15.06
C ILE A 253 6.29 -10.94 16.50
N ARG A 254 7.00 -11.90 17.08
CA ARG A 254 7.52 -11.76 18.43
C ARG A 254 8.42 -10.53 18.51
N GLU A 255 9.33 -10.39 17.56
CA GLU A 255 10.22 -9.23 17.54
C GLU A 255 9.47 -7.93 17.35
N LEU A 256 8.42 -7.99 16.52
CA LEU A 256 7.57 -6.83 16.24
C LEU A 256 6.85 -6.37 17.50
N ALA A 257 6.18 -7.31 18.17
CA ALA A 257 5.44 -6.98 19.40
C ALA A 257 6.34 -6.43 20.51
N GLN A 258 7.52 -7.03 20.63
CA GLN A 258 8.51 -6.66 21.63
C GLN A 258 9.04 -5.25 21.35
N THR A 259 9.22 -4.92 20.07
CA THR A 259 9.71 -3.60 19.70
C THR A 259 8.64 -2.53 19.96
N ILE A 260 7.39 -2.86 19.67
CA ILE A 260 6.28 -1.95 19.91
C ILE A 260 6.16 -1.71 21.42
N ALA A 261 6.28 -2.76 22.21
CA ALA A 261 6.20 -2.65 23.66
C ALA A 261 7.23 -1.63 24.15
N LYS A 262 8.45 -1.74 23.64
CA LYS A 262 9.53 -0.85 24.02
C LYS A 262 9.24 0.60 23.59
N VAL A 263 8.85 0.78 22.33
CA VAL A 263 8.53 2.09 21.78
C VAL A 263 7.45 2.81 22.59
N VAL A 264 6.45 2.05 23.01
CA VAL A 264 5.34 2.61 23.76
C VAL A 264 5.65 2.82 25.25
N GLY A 265 6.69 2.15 25.74
CA GLY A 265 7.05 2.27 27.13
C GLY A 265 6.27 1.32 28.01
N TYR A 266 5.82 0.21 27.44
CA TYR A 266 5.06 -0.80 28.17
C TYR A 266 5.99 -1.62 29.06
N LYS A 267 5.63 -1.76 30.34
CA LYS A 267 6.45 -2.50 31.28
C LYS A 267 5.93 -3.89 31.61
N GLY A 268 4.76 -4.24 31.09
CA GLY A 268 4.21 -5.55 31.36
C GLY A 268 4.89 -6.67 30.58
N ARG A 269 4.22 -7.81 30.54
CA ARG A 269 4.72 -8.98 29.85
C ARG A 269 4.00 -9.18 28.54
N VAL A 270 4.74 -9.50 27.48
CA VAL A 270 4.14 -9.78 26.18
C VAL A 270 4.02 -11.30 26.15
N VAL A 271 2.81 -11.80 26.02
CA VAL A 271 2.59 -13.24 26.03
C VAL A 271 1.97 -13.74 24.73
N PHE A 272 2.58 -14.77 24.15
CA PHE A 272 2.06 -15.38 22.94
C PHE A 272 1.35 -16.65 23.31
N ASP A 273 0.08 -16.73 22.94
CA ASP A 273 -0.75 -17.90 23.19
C ASP A 273 -0.63 -18.84 21.99
N ALA A 274 0.20 -19.86 22.13
CA ALA A 274 0.46 -20.82 21.07
C ALA A 274 -0.64 -21.85 20.83
N SER A 275 -1.72 -21.78 21.58
CA SER A 275 -2.84 -22.70 21.37
C SER A 275 -3.65 -22.21 20.16
N LYS A 276 -3.32 -21.03 19.66
CA LYS A 276 -3.99 -20.44 18.50
C LYS A 276 -3.06 -20.63 17.32
N PRO A 277 -3.63 -20.85 16.12
CA PRO A 277 -2.85 -21.05 14.89
C PRO A 277 -2.13 -19.83 14.35
N ASP A 278 -1.07 -20.08 13.60
CA ASP A 278 -0.30 -19.01 12.98
C ASP A 278 -0.75 -18.93 11.53
N GLY A 279 -0.31 -17.91 10.82
CA GLY A 279 -0.64 -17.79 9.41
C GLY A 279 0.53 -18.46 8.70
N THR A 280 0.81 -18.07 7.45
CA THR A 280 1.94 -18.67 6.74
C THR A 280 3.19 -18.31 7.52
N PRO A 281 4.19 -19.22 7.53
CA PRO A 281 5.45 -19.04 8.24
C PRO A 281 6.26 -17.80 7.85
N ARG A 282 6.22 -17.45 6.57
CA ARG A 282 7.01 -16.36 6.07
C ARG A 282 6.35 -15.66 4.90
N LYS A 283 6.48 -14.35 4.85
CA LYS A 283 5.90 -13.59 3.75
C LYS A 283 6.69 -12.30 3.54
N LEU A 284 7.45 -12.26 2.45
CA LEU A 284 8.23 -11.06 2.12
C LEU A 284 8.49 -11.00 0.62
N LEU A 285 8.69 -9.77 0.13
CA LEU A 285 8.93 -9.52 -1.29
C LEU A 285 10.40 -9.58 -1.67
N ASP A 286 10.64 -9.96 -2.92
CA ASP A 286 11.97 -10.00 -3.48
C ASP A 286 12.03 -8.59 -4.09
N VAL A 287 12.90 -7.73 -3.57
CA VAL A 287 13.00 -6.37 -4.06
C VAL A 287 14.18 -6.09 -4.99
N THR A 288 14.79 -7.16 -5.50
CA THR A 288 15.93 -7.09 -6.43
C THR A 288 15.73 -6.07 -7.56
N ARG A 289 14.59 -6.16 -8.22
CA ARG A 289 14.24 -5.29 -9.33
C ARG A 289 14.25 -3.82 -8.90
N LEU A 290 13.69 -3.55 -7.73
CA LEU A 290 13.65 -2.17 -7.23
C LEU A 290 15.05 -1.64 -6.90
N HIS A 291 15.86 -2.48 -6.27
CA HIS A 291 17.21 -2.10 -5.88
C HIS A 291 18.06 -1.82 -7.10
N GLN A 292 17.93 -2.66 -8.14
CA GLN A 292 18.65 -2.46 -9.37
C GLN A 292 18.22 -1.15 -10.04
N LEU A 293 17.04 -0.65 -9.66
CA LEU A 293 16.56 0.62 -10.20
C LEU A 293 17.12 1.77 -9.35
N GLY A 294 17.99 1.40 -8.42
CA GLY A 294 18.65 2.37 -7.57
C GLY A 294 17.92 2.97 -6.39
N TRP A 295 16.92 2.27 -5.86
CA TRP A 295 16.21 2.81 -4.72
C TRP A 295 16.35 1.87 -3.54
N TYR A 296 16.55 2.46 -2.36
CA TYR A 296 16.70 1.72 -1.11
C TYR A 296 15.92 2.45 -0.02
N HIS A 297 15.28 1.70 0.88
CA HIS A 297 14.49 2.31 1.94
C HIS A 297 15.39 2.98 2.97
N GLU A 298 14.87 4.00 3.64
CA GLU A 298 15.64 4.72 4.64
C GLU A 298 15.15 4.57 6.08
N ILE A 299 13.86 4.34 6.26
CA ILE A 299 13.25 4.21 7.59
C ILE A 299 13.27 2.79 8.17
N SER A 300 14.00 2.63 9.26
CA SER A 300 14.10 1.33 9.94
C SER A 300 12.84 1.10 10.78
N LEU A 301 12.61 -0.14 11.16
CA LEU A 301 11.42 -0.47 11.94
C LEU A 301 11.28 0.32 13.24
N GLU A 302 12.31 0.29 14.08
CA GLU A 302 12.26 0.98 15.37
C GLU A 302 11.98 2.47 15.18
N ALA A 303 12.68 3.08 14.22
CA ALA A 303 12.51 4.51 13.94
C ALA A 303 11.12 4.81 13.43
N GLY A 304 10.63 3.99 12.49
CA GLY A 304 9.30 4.21 11.93
C GLY A 304 8.21 4.00 12.96
N LEU A 305 8.37 3.02 13.84
CA LEU A 305 7.37 2.75 14.87
C LEU A 305 7.34 3.91 15.87
N ALA A 306 8.50 4.46 16.19
CA ALA A 306 8.58 5.56 17.12
C ALA A 306 7.88 6.80 16.57
N SER A 307 8.19 7.18 15.34
CA SER A 307 7.53 8.35 14.75
C SER A 307 6.03 8.17 14.54
N THR A 308 5.63 6.98 14.15
CA THR A 308 4.21 6.68 13.93
C THR A 308 3.45 6.77 15.24
N TYR A 309 4.08 6.31 16.33
CA TYR A 309 3.45 6.35 17.64
C TYR A 309 3.26 7.81 18.04
N GLN A 310 4.26 8.61 17.71
CA GLN A 310 4.26 10.04 17.97
C GLN A 310 3.06 10.65 17.27
N TRP A 311 2.84 10.26 16.02
CA TRP A 311 1.72 10.77 15.25
C TRP A 311 0.40 10.33 15.89
N PHE A 312 0.34 9.06 16.29
CA PHE A 312 -0.86 8.52 16.93
C PHE A 312 -1.21 9.32 18.18
N LEU A 313 -0.20 9.70 18.95
CA LEU A 313 -0.39 10.48 20.19
C LEU A 313 -1.02 11.84 19.91
N GLU A 314 -0.51 12.57 18.92
CA GLU A 314 -1.05 13.88 18.58
C GLU A 314 -2.42 13.84 17.88
N ASN A 315 -2.83 12.66 17.43
CA ASN A 315 -4.09 12.48 16.72
C ASN A 315 -5.02 11.44 17.28
N GLN A 316 -4.84 11.06 18.54
CA GLN A 316 -5.70 10.01 19.08
C GLN A 316 -7.16 10.34 19.20
N ASP A 317 -7.49 11.62 19.27
CA ASP A 317 -8.90 12.02 19.36
C ASP A 317 -9.47 12.10 17.94
N ARG A 318 -9.45 10.94 17.29
CA ARG A 318 -9.95 10.73 15.94
C ARG A 318 -10.31 9.26 15.85
N PHE A 319 -9.84 8.47 16.81
CA PHE A 319 -10.08 7.03 16.86
C PHE A 319 -10.82 6.58 18.12
PA NDP B . -7.13 4.68 2.29
O1A NDP B . -8.53 4.15 2.43
O2A NDP B . -6.57 5.52 3.39
O5B NDP B . -7.07 5.46 0.82
C5B NDP B . -8.14 5.35 -0.15
C4B NDP B . -8.53 6.77 -0.51
O4B NDP B . -9.30 6.70 -1.71
C3B NDP B . -9.39 7.41 0.54
O3B NDP B . -8.92 8.75 0.84
C2B NDP B . -10.73 7.47 -0.08
O2B NDP B . -11.44 8.63 0.32
C1B NDP B . -10.45 7.54 -1.56
N9A NDP B . -11.62 7.00 -2.33
C8A NDP B . -12.16 5.71 -2.30
N7A NDP B . -13.20 5.58 -3.10
C5A NDP B . -13.36 6.85 -3.68
C6A NDP B . -14.31 7.35 -4.61
N6A NDP B . -15.27 6.59 -5.10
N1A NDP B . -14.20 8.67 -4.99
C2A NDP B . -13.21 9.44 -4.47
N3A NDP B . -12.29 9.05 -3.59
C4A NDP B . -12.42 7.72 -3.23
O3 NDP B . -6.13 3.47 1.90
PN NDP B . -4.53 3.25 1.70
O1N NDP B . -4.04 2.57 2.99
O2N NDP B . -3.93 4.63 1.39
O5D NDP B . -4.33 2.23 0.45
C5D NDP B . -4.15 2.71 -0.92
C4D NDP B . -3.52 1.57 -1.73
O4D NDP B . -2.23 1.27 -1.13
C3D NDP B . -4.29 0.25 -1.61
O3D NDP B . -5.40 0.12 -2.54
C2D NDP B . -3.24 -0.82 -1.83
O2D NDP B . -3.21 -1.16 -3.21
C1D NDP B . -1.91 -0.13 -1.32
N1N NDP B . -1.49 -0.75 -0.04
C2N NDP B . -2.12 -0.27 1.12
C3N NDP B . -1.55 -0.62 2.39
C7N NDP B . -2.47 -0.63 3.58
O7N NDP B . -2.31 -1.41 4.59
N7N NDP B . -3.55 0.20 3.63
C4N NDP B . -0.80 -1.85 2.36
C5N NDP B . -0.21 -2.33 1.24
C6N NDP B . -0.53 -1.74 0.03
P2B NDP B . -12.56 8.61 1.52
O1X NDP B . -11.88 7.94 2.70
O2X NDP B . -12.85 10.10 1.66
O3X NDP B . -13.72 7.78 0.97
#